data_3S5R
#
_entry.id   3S5R
#
_cell.length_a   74.433
_cell.length_b   110.721
_cell.length_c   126.030
_cell.angle_alpha   90.000
_cell.angle_beta   90.000
_cell.angle_gamma   90.000
#
_symmetry.space_group_name_H-M   'C 2 2 21'
#
loop_
_entity.id
_entity.type
_entity.pdbx_description
1 polymer 'Transcriptional regulator TetR family'
2 non-polymer DI(HYDROXYETHYL)ETHER
3 non-polymer 1,2-ETHANEDIOL
4 water water
#
_entity_poly.entity_id   1
_entity_poly.type   'polypeptide(L)'
_entity_poly.pdbx_seq_one_letter_code
;G(MSE)QAT(MSE)TDKNTRELLLDAATTLFAEQGIAATT(MSE)AEIAASVGVNPA(MSE)IHYYFKTRDSLLDTIIEE
RIGRIID(MSE)IWEPVTGEEDDPLI(MSE)VRDLVNRIVNTCET(MSE)LWLPSLWIREIVNEGGALREK(MSE)LNNI
PIDK(MSE)NKFSAKIAEGQKQGVINSGIDSRLLIGSIIGLT(MSE)LPLATAKLRDQIPT(MSE)KGLSSEDIVCHVTA
LLFTGLTNPSNSDDIKKQRT
;
_entity_poly.pdbx_strand_id   A,B
#
# COMPACT_ATOMS: atom_id res chain seq x y z
N LYS A 9 22.07 -27.09 14.69
CA LYS A 9 22.16 -27.53 13.30
C LYS A 9 22.62 -26.35 12.40
N ASN A 10 21.86 -26.02 11.32
CA ASN A 10 22.23 -24.96 10.37
C ASN A 10 22.04 -23.58 11.02
N THR A 11 23.18 -22.97 11.41
CA THR A 11 23.24 -21.67 12.07
C THR A 11 22.89 -20.54 11.08
N ARG A 12 23.41 -20.59 9.83
CA ARG A 12 23.17 -19.58 8.80
C ARG A 12 21.67 -19.42 8.49
N GLU A 13 20.95 -20.54 8.30
CA GLU A 13 19.52 -20.54 7.97
C GLU A 13 18.68 -20.06 9.16
N LEU A 14 19.06 -20.44 10.40
CA LEU A 14 18.39 -20.05 11.63
C LEU A 14 18.44 -18.54 11.83
N LEU A 15 19.61 -17.94 11.57
CA LEU A 15 19.84 -16.50 11.73
C LEU A 15 19.16 -15.72 10.60
N LEU A 16 18.97 -16.33 9.41
CA LEU A 16 18.26 -15.66 8.31
C LEU A 16 16.77 -15.63 8.59
N ASP A 17 16.24 -16.69 9.21
CA ASP A 17 14.82 -16.80 9.62
C ASP A 17 14.56 -15.80 10.76
N ALA A 18 15.55 -15.63 11.65
CA ALA A 18 15.51 -14.69 12.78
C ALA A 18 15.60 -13.25 12.29
N ALA A 19 16.33 -13.03 11.17
CA ALA A 19 16.50 -11.71 10.56
C ALA A 19 15.18 -11.24 9.94
N THR A 20 14.52 -12.07 9.10
CA THR A 20 13.26 -11.74 8.44
C THR A 20 12.12 -11.52 9.44
N THR A 21 12.09 -12.29 10.55
CA THR A 21 11.07 -12.19 11.59
C THR A 21 11.22 -10.85 12.34
N LEU A 22 12.44 -10.53 12.84
CA LEU A 22 12.71 -9.29 13.58
C LEU A 22 12.56 -8.05 12.69
N PHE A 23 12.93 -8.13 11.41
CA PHE A 23 12.77 -7.00 10.48
C PHE A 23 11.30 -6.72 10.19
N ALA A 24 10.45 -7.76 10.19
CA ALA A 24 9.03 -7.61 9.95
C ALA A 24 8.29 -7.09 11.17
N GLU A 25 8.83 -7.34 12.38
CA GLU A 25 8.22 -6.93 13.64
C GLU A 25 8.56 -5.49 14.03
N GLN A 26 9.81 -5.03 13.79
CA GLN A 26 10.22 -3.69 14.24
C GLN A 26 11.00 -2.86 13.17
N GLY A 27 11.21 -3.40 11.98
CA GLY A 27 11.93 -2.69 10.94
C GLY A 27 13.43 -2.96 10.98
N ILE A 28 14.12 -2.70 9.85
CA ILE A 28 15.55 -2.96 9.68
C ILE A 28 16.38 -1.94 10.46
N ALA A 29 16.18 -0.63 10.23
CA ALA A 29 16.91 0.48 10.86
C ALA A 29 17.05 0.34 12.39
N ALA A 30 15.97 -0.12 13.08
CA ALA A 30 15.92 -0.30 14.53
C ALA A 30 16.57 -1.61 15.00
N THR A 31 16.65 -2.64 14.13
CA THR A 31 17.21 -3.94 14.49
C THR A 31 18.72 -4.02 14.19
N THR A 32 19.52 -4.38 15.22
CA THR A 32 20.98 -4.58 15.10
C THR A 32 21.26 -6.06 14.84
N ALA A 34 23.44 -7.77 16.34
CA ALA A 34 23.69 -8.35 17.66
C ALA A 34 22.38 -8.85 18.28
N GLU A 35 21.26 -8.16 18.00
CA GLU A 35 19.92 -8.49 18.49
C GLU A 35 19.38 -9.76 17.80
N ILE A 36 19.63 -9.90 16.47
CA ILE A 36 19.21 -11.05 15.65
C ILE A 36 19.85 -12.34 16.19
N ALA A 37 21.16 -12.29 16.48
CA ALA A 37 21.94 -13.42 17.00
C ALA A 37 21.47 -13.84 18.39
N ALA A 38 21.23 -12.85 19.27
CA ALA A 38 20.79 -13.05 20.65
C ALA A 38 19.36 -13.63 20.74
N SER A 39 18.48 -13.30 19.76
CA SER A 39 17.08 -13.74 19.72
C SER A 39 16.95 -15.26 19.48
N VAL A 40 18.02 -15.92 18.99
CA VAL A 40 18.03 -17.37 18.73
C VAL A 40 19.12 -18.06 19.57
N GLY A 41 19.69 -17.34 20.54
CA GLY A 41 20.71 -17.85 21.45
C GLY A 41 22.02 -18.23 20.78
N VAL A 42 22.42 -17.44 19.77
CA VAL A 42 23.64 -17.65 18.98
C VAL A 42 24.59 -16.47 19.26
N ASN A 43 25.91 -16.76 19.35
CA ASN A 43 26.96 -15.77 19.62
C ASN A 43 27.04 -14.76 18.46
N PRO A 44 27.11 -13.43 18.73
CA PRO A 44 27.16 -12.43 17.63
C PRO A 44 28.35 -12.61 16.69
N ALA A 45 29.35 -13.42 17.06
CA ALA A 45 30.53 -13.71 16.24
C ALA A 45 30.14 -14.54 15.01
N ILE A 47 27.09 -14.28 13.29
CA ILE A 47 26.32 -13.51 12.31
C ILE A 47 27.29 -12.68 11.43
N HIS A 48 28.43 -12.23 11.98
CA HIS A 48 29.40 -11.47 11.20
C HIS A 48 30.28 -12.41 10.36
N TYR A 49 30.31 -13.70 10.73
CA TYR A 49 31.02 -14.73 9.99
C TYR A 49 30.29 -15.05 8.66
N TYR A 50 28.96 -15.24 8.73
CA TYR A 50 28.15 -15.55 7.55
C TYR A 50 27.82 -14.30 6.73
N PHE A 51 27.78 -13.12 7.38
CA PHE A 51 27.47 -11.85 6.70
C PHE A 51 28.49 -10.79 7.12
N LYS A 52 29.50 -10.55 6.26
CA LYS A 52 30.60 -9.59 6.46
C LYS A 52 30.08 -8.19 6.84
N THR A 53 29.21 -7.62 6.01
CA THR A 53 28.62 -6.29 6.23
C THR A 53 27.11 -6.40 6.48
N ARG A 54 26.51 -5.30 6.97
CA ARG A 54 25.07 -5.18 7.21
C ARG A 54 24.32 -5.24 5.86
N ASP A 55 24.96 -4.70 4.81
CA ASP A 55 24.47 -4.67 3.44
C ASP A 55 24.45 -6.09 2.84
N SER A 56 25.42 -6.94 3.22
CA SER A 56 25.55 -8.33 2.77
C SER A 56 24.36 -9.18 3.25
N LEU A 57 23.85 -8.89 4.47
CA LEU A 57 22.69 -9.59 5.04
C LEU A 57 21.44 -9.26 4.24
N LEU A 58 21.25 -7.97 3.89
CA LEU A 58 20.09 -7.48 3.12
C LEU A 58 20.06 -8.09 1.72
N ASP A 59 21.24 -8.24 1.08
CA ASP A 59 21.38 -8.85 -0.25
C ASP A 59 20.94 -10.33 -0.23
N THR A 60 21.25 -11.03 0.88
CA THR A 60 20.89 -12.43 1.09
C THR A 60 19.37 -12.54 1.32
N ILE A 61 18.75 -11.56 2.02
CA ILE A 61 17.30 -11.50 2.26
C ILE A 61 16.58 -11.35 0.91
N ILE A 62 17.08 -10.45 0.04
CA ILE A 62 16.51 -10.18 -1.28
C ILE A 62 16.65 -11.42 -2.18
N GLU A 63 17.77 -12.16 -2.11
CA GLU A 63 18.03 -13.31 -2.97
C GLU A 63 17.43 -14.64 -2.43
N GLU A 64 17.66 -14.97 -1.16
CA GLU A 64 17.26 -16.25 -0.58
C GLU A 64 15.94 -16.20 0.21
N ARG A 65 15.28 -15.05 0.32
CA ARG A 65 13.99 -15.01 1.01
C ARG A 65 12.96 -14.31 0.14
N ILE A 66 13.16 -13.00 -0.18
CA ILE A 66 12.24 -12.21 -1.01
C ILE A 66 12.15 -12.81 -2.41
N GLY A 67 13.30 -13.01 -3.07
CA GLY A 67 13.42 -13.58 -4.40
C GLY A 67 12.73 -14.90 -4.59
N ARG A 68 12.85 -15.81 -3.58
CA ARG A 68 12.21 -17.12 -3.61
C ARG A 68 10.67 -16.98 -3.53
N ILE A 69 10.18 -15.99 -2.75
CA ILE A 69 8.76 -15.66 -2.59
C ILE A 69 8.22 -15.04 -3.90
N ILE A 70 9.02 -14.15 -4.53
CA ILE A 70 8.63 -13.47 -5.77
C ILE A 70 8.57 -14.49 -6.92
N ASP A 71 9.56 -15.41 -7.02
CA ASP A 71 9.61 -16.42 -8.07
CA ASP A 71 9.60 -16.39 -8.10
C ASP A 71 8.44 -17.42 -7.94
N ILE A 73 5.48 -16.90 -6.87
CA ILE A 73 4.23 -16.20 -7.19
C ILE A 73 4.14 -15.98 -8.73
N TRP A 74 5.28 -15.66 -9.40
CA TRP A 74 5.29 -15.36 -10.83
C TRP A 74 5.79 -16.52 -11.73
N GLU A 75 6.38 -17.60 -11.18
CA GLU A 75 6.90 -18.72 -12.00
C GLU A 75 5.75 -19.46 -12.75
N PRO A 76 4.56 -19.77 -12.16
CA PRO A 76 3.52 -20.51 -12.94
C PRO A 76 2.97 -19.69 -14.13
N VAL A 77 3.36 -18.41 -14.25
CA VAL A 77 2.97 -17.52 -15.34
C VAL A 77 3.80 -17.88 -16.60
N THR A 78 3.08 -18.19 -17.69
CA THR A 78 3.66 -18.46 -19.01
C THR A 78 3.08 -17.41 -19.97
N GLY A 79 3.19 -17.65 -21.27
CA GLY A 79 2.61 -16.77 -22.27
C GLY A 79 1.59 -17.52 -23.12
N GLU A 80 1.37 -18.82 -22.77
CA GLU A 80 0.50 -19.74 -23.49
C GLU A 80 -0.88 -19.96 -22.82
N GLU A 81 -1.20 -19.24 -21.71
CA GLU A 81 -2.52 -19.38 -21.05
C GLU A 81 -3.64 -19.07 -22.05
N ASP A 82 -4.63 -19.99 -22.15
CA ASP A 82 -5.77 -19.85 -23.06
C ASP A 82 -6.85 -18.94 -22.48
N ASP A 83 -6.93 -18.84 -21.13
CA ASP A 83 -7.92 -18.02 -20.42
C ASP A 83 -7.19 -17.02 -19.51
N PRO A 84 -7.32 -15.69 -19.77
CA PRO A 84 -6.64 -14.69 -18.91
C PRO A 84 -7.26 -14.57 -17.52
N LEU A 85 -8.58 -14.86 -17.40
CA LEU A 85 -9.33 -14.79 -16.15
C LEU A 85 -8.89 -15.89 -15.17
N ILE A 86 -8.47 -17.07 -15.67
CA ILE A 86 -7.98 -18.16 -14.81
C ILE A 86 -6.59 -17.76 -14.28
N VAL A 88 -5.35 -14.73 -13.74
CA VAL A 88 -5.42 -13.72 -12.67
C VAL A 88 -5.94 -14.40 -11.38
N ARG A 89 -6.97 -15.28 -11.48
CA ARG A 89 -7.56 -16.03 -10.35
C ARG A 89 -6.48 -16.80 -9.58
N ASP A 90 -5.57 -17.45 -10.32
CA ASP A 90 -4.46 -18.24 -9.82
C ASP A 90 -3.40 -17.36 -9.16
N LEU A 91 -3.12 -16.18 -9.75
CA LEU A 91 -2.15 -15.21 -9.22
C LEU A 91 -2.63 -14.68 -7.87
N VAL A 92 -3.92 -14.29 -7.75
CA VAL A 92 -4.56 -13.78 -6.52
C VAL A 92 -4.45 -14.85 -5.42
N ASN A 93 -4.77 -16.11 -5.75
CA ASN A 93 -4.71 -17.26 -4.84
C ASN A 93 -3.30 -17.50 -4.33
N ARG A 94 -2.29 -17.42 -5.21
CA ARG A 94 -0.87 -17.62 -4.85
C ARG A 94 -0.33 -16.50 -3.95
N ILE A 95 -0.83 -15.26 -4.09
CA ILE A 95 -0.38 -14.13 -3.27
C ILE A 95 -0.91 -14.30 -1.83
N VAL A 96 -2.24 -14.52 -1.68
CA VAL A 96 -2.92 -14.66 -0.39
C VAL A 96 -2.41 -15.94 0.34
N ASN A 97 -2.24 -17.07 -0.38
CA ASN A 97 -1.76 -18.34 0.19
C ASN A 97 -0.32 -18.21 0.75
N THR A 98 0.55 -17.43 0.07
CA THR A 98 1.94 -17.18 0.47
C THR A 98 1.96 -16.30 1.73
N CYS A 99 1.17 -15.22 1.76
CA CYS A 99 1.07 -14.25 2.87
C CYS A 99 0.43 -14.92 4.11
N GLU A 100 -0.48 -15.89 3.92
CA GLU A 100 -1.14 -16.61 5.01
C GLU A 100 -0.17 -17.59 5.69
N THR A 101 0.78 -18.16 4.92
CA THR A 101 1.80 -19.11 5.41
C THR A 101 3.01 -18.34 5.98
N LEU A 103 3.74 -14.93 7.28
CA LEU A 103 3.15 -13.73 7.90
C LEU A 103 4.06 -12.50 7.84
N TRP A 104 5.38 -12.70 7.73
CA TRP A 104 6.39 -11.62 7.69
C TRP A 104 6.35 -10.83 6.38
N LEU A 105 5.92 -11.47 5.27
CA LEU A 105 5.90 -10.90 3.93
C LEU A 105 5.02 -9.61 3.81
N PRO A 106 3.72 -9.55 4.24
CA PRO A 106 2.95 -8.30 4.05
C PRO A 106 3.48 -7.12 4.89
N SER A 107 3.99 -7.40 6.11
CA SER A 107 4.52 -6.40 7.02
C SER A 107 5.86 -5.84 6.51
N LEU A 108 6.76 -6.70 6.01
CA LEU A 108 8.07 -6.31 5.48
C LEU A 108 7.93 -5.55 4.16
N TRP A 109 6.84 -5.82 3.40
CA TRP A 109 6.51 -5.19 2.12
C TRP A 109 6.22 -3.70 2.31
N ILE A 110 5.33 -3.33 3.25
CA ILE A 110 4.99 -1.92 3.52
C ILE A 110 6.20 -1.16 4.12
N ARG A 111 6.85 -1.75 5.14
CA ARG A 111 7.98 -1.16 5.87
C ARG A 111 9.23 -0.88 5.04
N GLU A 112 9.63 -1.82 4.16
CA GLU A 112 10.93 -1.72 3.49
C GLU A 112 10.89 -1.65 1.96
N ILE A 113 9.74 -1.92 1.29
CA ILE A 113 9.67 -1.84 -0.17
C ILE A 113 8.88 -0.57 -0.57
N VAL A 114 7.61 -0.48 -0.15
CA VAL A 114 6.64 0.58 -0.46
C VAL A 114 7.13 1.94 0.12
N ASN A 115 7.62 1.93 1.38
CA ASN A 115 8.15 3.10 2.09
C ASN A 115 9.39 3.66 1.37
N GLU A 116 9.45 4.99 1.22
CA GLU A 116 10.54 5.71 0.54
C GLU A 116 11.88 5.58 1.29
N GLY A 117 11.82 5.39 2.61
CA GLY A 117 13.00 5.23 3.46
C GLY A 117 13.39 3.80 3.75
N GLY A 118 12.80 2.88 2.99
CA GLY A 118 13.02 1.44 3.09
C GLY A 118 14.40 1.04 2.60
N ALA A 119 15.04 0.10 3.32
CA ALA A 119 16.39 -0.39 3.04
C ALA A 119 16.40 -1.38 1.87
N LEU A 120 15.28 -2.11 1.66
CA LEU A 120 15.18 -3.12 0.60
C LEU A 120 14.60 -2.55 -0.70
N ARG A 121 14.22 -1.25 -0.72
CA ARG A 121 13.61 -0.55 -1.85
C ARG A 121 14.52 -0.52 -3.11
N GLU A 122 15.78 -0.07 -2.96
CA GLU A 122 16.75 0.05 -4.06
C GLU A 122 17.18 -1.33 -4.59
N LYS A 123 17.42 -2.29 -3.68
CA LYS A 123 17.87 -3.66 -3.98
C LYS A 123 16.79 -4.47 -4.69
N LEU A 125 14.60 -3.33 -6.99
CA LEU A 125 14.58 -2.86 -8.38
C LEU A 125 15.40 -3.74 -9.33
N ASN A 126 16.54 -4.26 -8.87
CA ASN A 126 17.43 -5.10 -9.66
C ASN A 126 17.03 -6.59 -9.58
N ASN A 127 15.87 -6.91 -8.95
CA ASN A 127 15.38 -8.28 -8.80
C ASN A 127 13.86 -8.39 -9.11
N ILE A 128 13.35 -7.49 -9.97
CA ILE A 128 11.94 -7.47 -10.41
C ILE A 128 11.77 -8.52 -11.54
N PRO A 129 10.72 -9.38 -11.52
CA PRO A 129 10.55 -10.37 -12.61
C PRO A 129 9.95 -9.72 -13.86
N ILE A 130 10.72 -8.81 -14.48
CA ILE A 130 10.35 -8.01 -15.66
C ILE A 130 9.90 -8.93 -16.82
N ASP A 131 10.61 -10.05 -17.04
CA ASP A 131 10.32 -11.01 -18.12
C ASP A 131 8.92 -11.64 -17.97
N LYS A 132 8.56 -12.13 -16.77
CA LYS A 132 7.27 -12.79 -16.53
C LYS A 132 6.14 -11.78 -16.34
N ASN A 134 6.01 -8.94 -18.17
CA ASN A 134 5.76 -8.57 -19.56
C ASN A 134 4.87 -9.61 -20.22
N LYS A 135 5.06 -10.90 -19.86
CA LYS A 135 4.27 -12.03 -20.37
C LYS A 135 2.83 -11.95 -19.84
N PHE A 136 2.66 -11.51 -18.57
CA PHE A 136 1.36 -11.34 -17.95
C PHE A 136 0.61 -10.18 -18.63
N SER A 137 1.29 -9.03 -18.81
CA SER A 137 0.76 -7.81 -19.44
C SER A 137 0.41 -8.05 -20.91
N ALA A 138 1.19 -8.90 -21.61
CA ALA A 138 0.93 -9.22 -23.02
C ALA A 138 -0.31 -10.10 -23.17
N LYS A 139 -0.46 -11.10 -22.27
CA LYS A 139 -1.58 -12.05 -22.27
C LYS A 139 -2.90 -11.36 -21.95
N ILE A 140 -2.89 -10.41 -21.00
CA ILE A 140 -4.09 -9.68 -20.57
C ILE A 140 -4.44 -8.63 -21.66
N ALA A 141 -3.43 -8.07 -22.36
CA ALA A 141 -3.65 -7.09 -23.45
C ALA A 141 -4.19 -7.80 -24.70
N GLU A 142 -3.83 -9.09 -24.90
CA GLU A 142 -4.28 -9.93 -26.00
C GLU A 142 -5.79 -10.17 -25.86
N GLY A 143 -6.25 -10.33 -24.62
CA GLY A 143 -7.65 -10.51 -24.27
C GLY A 143 -8.48 -9.28 -24.53
N GLN A 144 -7.86 -8.09 -24.38
CA GLN A 144 -8.48 -6.78 -24.66
C GLN A 144 -8.70 -6.61 -26.16
N LYS A 145 -7.75 -7.12 -26.99
CA LYS A 145 -7.81 -7.08 -28.45
C LYS A 145 -8.93 -8.00 -28.95
N GLN A 146 -9.05 -9.19 -28.32
CA GLN A 146 -10.08 -10.19 -28.64
C GLN A 146 -11.47 -9.72 -28.17
N GLY A 147 -11.49 -8.86 -27.15
CA GLY A 147 -12.71 -8.31 -26.57
C GLY A 147 -13.30 -9.12 -25.44
N VAL A 148 -12.49 -9.99 -24.84
CA VAL A 148 -12.90 -10.86 -23.73
C VAL A 148 -12.53 -10.17 -22.39
N ILE A 149 -11.55 -9.23 -22.41
CA ILE A 149 -11.12 -8.44 -21.26
C ILE A 149 -11.54 -6.97 -21.51
N ASN A 150 -11.89 -6.25 -20.41
CA ASN A 150 -12.31 -4.84 -20.40
C ASN A 150 -11.24 -3.96 -21.06
N SER A 151 -11.65 -3.19 -22.08
CA SER A 151 -10.79 -2.30 -22.86
C SER A 151 -10.33 -1.06 -22.05
N GLY A 152 -11.08 -0.71 -21.01
CA GLY A 152 -10.82 0.45 -20.18
C GLY A 152 -9.65 0.34 -19.22
N ILE A 153 -9.34 -0.88 -18.75
CA ILE A 153 -8.25 -1.11 -17.80
C ILE A 153 -6.91 -1.12 -18.56
N ASP A 154 -5.81 -0.88 -17.83
CA ASP A 154 -4.44 -0.87 -18.33
C ASP A 154 -3.73 -2.17 -17.95
N SER A 155 -3.14 -2.85 -18.94
CA SER A 155 -2.44 -4.14 -18.82
C SER A 155 -1.24 -4.07 -17.85
N ARG A 156 -0.55 -2.91 -17.78
CA ARG A 156 0.63 -2.70 -16.93
C ARG A 156 0.23 -2.36 -15.48
N LEU A 157 -0.76 -1.46 -15.31
CA LEU A 157 -1.26 -1.00 -14.02
C LEU A 157 -2.04 -2.08 -13.26
N LEU A 158 -2.55 -3.13 -13.95
CA LEU A 158 -3.31 -4.22 -13.35
C LEU A 158 -2.44 -5.01 -12.35
N ILE A 159 -1.12 -5.17 -12.64
CA ILE A 159 -0.17 -5.86 -11.78
C ILE A 159 -0.18 -5.20 -10.39
N GLY A 160 -0.01 -3.87 -10.36
CA GLY A 160 -0.05 -3.06 -9.15
C GLY A 160 -1.37 -3.15 -8.43
N SER A 161 -2.49 -3.09 -9.18
CA SER A 161 -3.87 -3.19 -8.67
C SER A 161 -4.09 -4.51 -7.92
N ILE A 162 -3.70 -5.67 -8.52
CA ILE A 162 -3.82 -6.99 -7.92
C ILE A 162 -2.99 -7.06 -6.62
N ILE A 163 -1.73 -6.55 -6.67
CA ILE A 163 -0.82 -6.52 -5.52
C ILE A 163 -1.46 -5.69 -4.40
N GLY A 164 -1.99 -4.52 -4.74
CA GLY A 164 -2.64 -3.61 -3.80
C GLY A 164 -3.91 -4.16 -3.18
N LEU A 165 -4.75 -4.83 -3.96
CA LEU A 165 -6.01 -5.41 -3.49
C LEU A 165 -5.79 -6.64 -2.60
N THR A 166 -4.68 -7.36 -2.77
CA THR A 166 -4.40 -8.58 -2.00
C THR A 166 -3.47 -8.33 -0.81
N LEU A 168 -2.24 -5.27 0.72
CA LEU A 168 -2.59 -4.18 1.64
C LEU A 168 -3.62 -4.62 2.72
N PRO A 169 -4.74 -5.34 2.43
CA PRO A 169 -5.67 -5.71 3.52
C PRO A 169 -5.04 -6.58 4.61
N LEU A 170 -4.05 -7.42 4.27
CA LEU A 170 -3.38 -8.27 5.25
C LEU A 170 -2.36 -7.45 6.05
N ALA A 171 -1.76 -6.43 5.42
CA ALA A 171 -0.78 -5.56 6.06
C ALA A 171 -1.43 -4.59 7.05
N THR A 172 -2.70 -4.21 6.78
CA THR A 172 -3.49 -3.28 7.61
C THR A 172 -4.52 -4.03 8.48
N ALA A 173 -4.38 -5.35 8.62
CA ALA A 173 -5.28 -6.22 9.39
C ALA A 173 -5.34 -5.81 10.88
N LYS A 174 -4.17 -5.55 11.49
CA LYS A 174 -4.06 -5.14 12.91
C LYS A 174 -4.68 -3.77 13.15
N LEU A 175 -4.65 -2.89 12.13
CA LEU A 175 -5.20 -1.53 12.17
C LEU A 175 -6.74 -1.57 12.13
N ARG A 176 -7.37 -2.37 11.22
CA ARG A 176 -8.83 -2.44 11.13
C ARG A 176 -9.42 -3.19 12.34
N ASP A 177 -8.63 -4.10 12.97
CA ASP A 177 -9.04 -4.85 14.16
C ASP A 177 -9.26 -3.90 15.37
N GLN A 178 -8.76 -2.65 15.26
CA GLN A 178 -8.85 -1.61 16.29
C GLN A 178 -10.02 -0.63 16.02
N ILE A 179 -10.44 -0.47 14.75
CA ILE A 179 -11.56 0.41 14.35
C ILE A 179 -12.88 -0.30 14.76
N PRO A 180 -13.80 0.39 15.49
CA PRO A 180 -15.03 -0.27 15.98
C PRO A 180 -15.92 -0.90 14.88
N THR A 181 -16.43 -0.10 13.93
CA THR A 181 -17.33 -0.59 12.87
C THR A 181 -16.50 -1.00 11.65
N LYS A 183 -14.07 -4.24 12.39
CA LYS A 183 -13.59 -5.54 12.85
C LYS A 183 -14.59 -6.67 12.57
N GLY A 184 -14.05 -7.85 12.25
CA GLY A 184 -14.82 -9.07 11.96
C GLY A 184 -14.74 -9.56 10.53
N LEU A 185 -13.52 -9.58 9.95
CA LEU A 185 -13.27 -10.01 8.56
C LEU A 185 -11.97 -10.84 8.49
N SER A 186 -12.05 -12.05 7.90
CA SER A 186 -10.94 -13.03 7.78
C SER A 186 -10.24 -13.00 6.39
N SER A 187 -9.11 -13.76 6.24
CA SER A 187 -8.33 -13.93 4.99
C SER A 187 -9.22 -14.49 3.86
N GLU A 188 -10.20 -15.35 4.24
CA GLU A 188 -11.18 -15.96 3.32
C GLU A 188 -12.25 -14.94 2.94
N ASP A 189 -12.65 -14.08 3.90
CA ASP A 189 -13.68 -13.05 3.73
C ASP A 189 -13.21 -11.92 2.79
N ILE A 190 -11.88 -11.70 2.71
CA ILE A 190 -11.23 -10.68 1.90
C ILE A 190 -10.99 -11.22 0.47
N VAL A 191 -10.49 -12.48 0.31
CA VAL A 191 -10.19 -13.08 -1.00
C VAL A 191 -11.49 -13.14 -1.87
N CYS A 192 -12.66 -13.40 -1.24
CA CYS A 192 -13.97 -13.43 -1.90
C CYS A 192 -14.29 -12.05 -2.48
N HIS A 193 -14.03 -10.98 -1.70
CA HIS A 193 -14.26 -9.57 -2.06
C HIS A 193 -13.40 -9.18 -3.28
N VAL A 194 -12.08 -9.44 -3.24
CA VAL A 194 -11.09 -9.11 -4.28
C VAL A 194 -11.43 -9.84 -5.60
N THR A 195 -11.83 -11.13 -5.52
CA THR A 195 -12.17 -11.93 -6.70
C THR A 195 -13.45 -11.35 -7.33
N ALA A 196 -14.49 -11.06 -6.52
CA ALA A 196 -15.75 -10.50 -7.00
C ALA A 196 -15.55 -9.08 -7.57
N LEU A 197 -14.61 -8.30 -7.04
CA LEU A 197 -14.35 -6.95 -7.51
C LEU A 197 -13.52 -6.96 -8.82
N LEU A 198 -12.48 -7.79 -8.90
CA LEU A 198 -11.63 -7.89 -10.09
C LEU A 198 -12.35 -8.43 -11.31
N PHE A 199 -13.27 -9.37 -11.12
CA PHE A 199 -13.92 -10.01 -12.24
C PHE A 199 -15.19 -9.26 -12.69
N THR A 200 -16.15 -8.98 -11.79
CA THR A 200 -17.42 -8.35 -12.16
C THR A 200 -17.46 -6.83 -11.87
N GLY A 201 -16.70 -6.38 -10.88
CA GLY A 201 -16.69 -4.98 -10.47
C GLY A 201 -17.84 -4.67 -9.54
N LEU A 202 -18.41 -3.45 -9.63
CA LEU A 202 -19.52 -3.05 -8.77
C LEU A 202 -20.88 -3.26 -9.47
N THR A 203 -20.94 -3.30 -10.81
CA THR A 203 -22.20 -3.51 -11.56
C THR A 203 -22.61 -5.00 -11.47
N ASN A 204 -23.83 -5.26 -11.00
CA ASN A 204 -24.38 -6.62 -10.77
C ASN A 204 -24.49 -7.41 -12.10
N PRO A 205 -24.05 -8.69 -12.15
CA PRO A 205 -24.14 -9.44 -13.43
C PRO A 205 -25.57 -9.94 -13.71
N ASN B 10 4.75 34.57 6.86
CA ASN B 10 4.23 33.70 7.90
C ASN B 10 5.25 32.58 8.19
N THR B 11 5.95 32.70 9.33
CA THR B 11 6.99 31.77 9.78
C THR B 11 6.37 30.42 10.20
N ARG B 12 5.23 30.45 10.94
CA ARG B 12 4.54 29.25 11.42
C ARG B 12 4.11 28.33 10.27
N GLU B 13 3.50 28.88 9.21
CA GLU B 13 3.03 28.12 8.05
C GLU B 13 4.21 27.57 7.23
N LEU B 14 5.30 28.35 7.09
CA LEU B 14 6.51 27.97 6.36
C LEU B 14 7.17 26.75 7.01
N LEU B 15 7.25 26.74 8.36
CA LEU B 15 7.85 25.66 9.13
C LEU B 15 6.95 24.43 9.18
N LEU B 16 5.62 24.61 9.03
CA LEU B 16 4.70 23.47 9.00
C LEU B 16 4.77 22.78 7.65
N ASP B 17 4.99 23.57 6.56
CA ASP B 17 5.16 23.05 5.20
C ASP B 17 6.49 22.32 5.11
N ALA B 18 7.52 22.84 5.82
CA ALA B 18 8.86 22.26 5.91
C ALA B 18 8.84 20.98 6.73
N ALA B 19 7.94 20.90 7.74
CA ALA B 19 7.77 19.73 8.59
C ALA B 19 7.19 18.56 7.80
N THR B 20 6.06 18.79 7.09
CA THR B 20 5.37 17.76 6.28
C THR B 20 6.25 17.25 5.13
N THR B 21 7.05 18.15 4.50
CA THR B 21 7.95 17.80 3.39
C THR B 21 9.09 16.90 3.90
N LEU B 22 9.80 17.29 4.98
CA LEU B 22 10.90 16.53 5.56
C LEU B 22 10.44 15.20 6.16
N PHE B 23 9.23 15.16 6.76
CA PHE B 23 8.68 13.92 7.33
C PHE B 23 8.31 12.94 6.21
N ALA B 24 7.89 13.44 5.04
CA ALA B 24 7.53 12.60 3.89
C ALA B 24 8.79 12.06 3.18
N GLU B 25 9.92 12.81 3.26
CA GLU B 25 11.18 12.44 2.61
C GLU B 25 12.04 11.49 3.46
N GLN B 26 12.18 11.74 4.78
CA GLN B 26 13.06 10.96 5.65
C GLN B 26 12.41 10.46 6.97
N GLY B 27 11.08 10.52 7.06
CA GLY B 27 10.37 10.06 8.26
C GLY B 27 10.33 11.07 9.39
N ILE B 28 9.60 10.73 10.47
CA ILE B 28 9.49 11.60 11.65
C ILE B 28 10.64 11.30 12.63
N ALA B 29 10.78 10.02 13.07
CA ALA B 29 11.79 9.56 14.03
C ALA B 29 13.22 10.07 13.73
N ALA B 30 13.61 10.10 12.43
CA ALA B 30 14.93 10.54 11.95
C ALA B 30 15.05 12.07 11.85
N THR B 31 13.92 12.80 11.70
CA THR B 31 13.93 14.25 11.54
C THR B 31 13.80 14.98 12.90
N THR B 32 14.75 15.87 13.20
CA THR B 32 14.74 16.71 14.40
C THR B 32 14.09 18.04 14.08
N ALA B 34 15.24 20.87 14.88
CA ALA B 34 16.36 21.76 14.53
C ALA B 34 16.64 21.69 13.02
N GLU B 35 16.45 20.50 12.40
CA GLU B 35 16.66 20.25 10.98
C GLU B 35 15.57 20.93 10.14
N ILE B 36 14.30 20.89 10.61
CA ILE B 36 13.12 21.49 9.96
C ILE B 36 13.33 23.02 9.83
N ALA B 37 13.78 23.68 10.92
CA ALA B 37 14.01 25.11 10.98
C ALA B 37 15.16 25.53 10.06
N ALA B 38 16.26 24.75 10.05
CA ALA B 38 17.45 25.00 9.24
C ALA B 38 17.19 24.84 7.74
N SER B 39 16.27 23.94 7.36
CA SER B 39 15.93 23.64 5.95
C SER B 39 15.23 24.83 5.25
N VAL B 40 14.69 25.80 6.03
CA VAL B 40 14.01 26.97 5.48
C VAL B 40 14.74 28.28 5.93
N GLY B 41 15.94 28.12 6.47
CA GLY B 41 16.78 29.23 6.94
C GLY B 41 16.19 30.04 8.07
N VAL B 42 15.51 29.35 9.01
CA VAL B 42 14.86 29.94 10.18
C VAL B 42 15.58 29.45 11.44
N ASN B 43 15.74 30.34 12.45
CA ASN B 43 16.41 30.04 13.72
C ASN B 43 15.61 28.97 14.50
N PRO B 44 16.27 27.91 15.07
CA PRO B 44 15.52 26.86 15.80
C PRO B 44 14.71 27.38 16.99
N ALA B 45 14.96 28.62 17.42
CA ALA B 45 14.23 29.26 18.50
C ALA B 45 12.76 29.54 18.11
N ILE B 47 10.84 27.52 15.98
CA ILE B 47 10.05 26.29 15.89
C ILE B 47 9.56 25.86 17.30
N HIS B 48 10.36 26.14 18.37
CA HIS B 48 9.95 25.79 19.72
C HIS B 48 8.99 26.84 20.28
N TYR B 49 8.97 28.04 19.67
CA TYR B 49 8.06 29.12 20.03
C TYR B 49 6.63 28.79 19.58
N TYR B 50 6.46 28.31 18.32
CA TYR B 50 5.15 27.96 17.77
C TYR B 50 4.71 26.57 18.23
N PHE B 51 5.64 25.66 18.52
CA PHE B 51 5.32 24.30 18.96
C PHE B 51 6.16 23.96 20.20
N LYS B 52 5.52 24.06 21.37
CA LYS B 52 6.09 23.82 22.70
C LYS B 52 6.79 22.44 22.76
N THR B 53 6.07 21.36 22.44
CA THR B 53 6.61 19.99 22.47
C THR B 53 6.66 19.39 21.05
N ARG B 54 7.41 18.28 20.90
CA ARG B 54 7.52 17.52 19.65
C ARG B 54 6.15 16.91 19.31
N ASP B 55 5.39 16.53 20.37
CA ASP B 55 4.06 15.95 20.30
C ASP B 55 3.05 16.98 19.80
N SER B 56 3.22 18.27 20.16
CA SER B 56 2.35 19.38 19.74
C SER B 56 2.44 19.60 18.23
N LEU B 57 3.64 19.41 17.65
CA LEU B 57 3.89 19.53 16.21
C LEU B 57 3.12 18.45 15.45
N LEU B 58 3.14 17.19 15.96
CA LEU B 58 2.44 16.05 15.36
C LEU B 58 0.93 16.24 15.41
N ASP B 59 0.40 16.81 16.52
CA ASP B 59 -1.03 17.10 16.70
C ASP B 59 -1.49 18.15 15.69
N THR B 60 -0.63 19.14 15.38
CA THR B 60 -0.87 20.21 14.42
C THR B 60 -0.89 19.60 13.00
N ILE B 61 0.01 18.62 12.70
CA ILE B 61 0.07 17.93 11.41
C ILE B 61 -1.24 17.16 11.19
N ILE B 62 -1.72 16.45 12.22
CA ILE B 62 -2.95 15.65 12.18
C ILE B 62 -4.17 16.58 12.00
N GLU B 63 -4.20 17.75 12.65
CA GLU B 63 -5.33 18.68 12.60
C GLU B 63 -5.31 19.64 11.39
N GLU B 64 -4.18 20.32 11.13
CA GLU B 64 -4.06 21.33 10.08
C GLU B 64 -3.49 20.82 8.74
N ARG B 65 -3.08 19.54 8.65
CA ARG B 65 -2.52 19.05 7.38
C ARG B 65 -3.22 17.73 6.96
N ILE B 66 -3.22 16.70 7.82
CA ILE B 66 -3.86 15.41 7.54
C ILE B 66 -5.38 15.57 7.57
N GLY B 67 -5.91 16.11 8.67
CA GLY B 67 -7.33 16.32 8.89
C GLY B 67 -8.03 17.11 7.80
N ARG B 68 -7.37 18.19 7.32
CA ARG B 68 -7.92 19.02 6.24
C ARG B 68 -7.99 18.23 4.93
N ILE B 69 -6.98 17.36 4.69
CA ILE B 69 -6.90 16.51 3.50
C ILE B 69 -7.97 15.41 3.59
N ILE B 70 -8.17 14.81 4.78
CA ILE B 70 -9.14 13.74 5.01
C ILE B 70 -10.57 14.30 4.86
N ASP B 71 -10.84 15.50 5.42
CA ASP B 71 -12.13 16.15 5.36
C ASP B 71 -12.52 16.53 3.92
N ILE B 73 -11.71 15.07 1.20
CA ILE B 73 -11.92 13.85 0.42
C ILE B 73 -13.29 13.23 0.79
N TRP B 74 -13.67 13.27 2.09
CA TRP B 74 -14.91 12.64 2.56
C TRP B 74 -16.09 13.63 2.80
N GLU B 75 -15.85 14.97 2.80
CA GLU B 75 -16.94 15.94 3.05
C GLU B 75 -18.02 15.92 1.94
N PRO B 76 -17.72 15.83 0.61
CA PRO B 76 -18.82 15.81 -0.40
C PRO B 76 -19.72 14.57 -0.33
N VAL B 77 -19.35 13.56 0.49
CA VAL B 77 -20.13 12.34 0.68
C VAL B 77 -21.30 12.63 1.64
N THR B 78 -22.53 12.39 1.16
CA THR B 78 -23.78 12.53 1.92
C THR B 78 -24.38 11.12 2.03
N GLY B 79 -25.66 11.03 2.35
CA GLY B 79 -26.37 9.77 2.41
C GLY B 79 -27.52 9.75 1.41
N GLU B 80 -27.67 10.86 0.65
CA GLU B 80 -28.76 11.09 -0.31
C GLU B 80 -28.36 10.84 -1.78
N GLU B 81 -27.14 10.30 -2.08
CA GLU B 81 -26.72 10.02 -3.46
C GLU B 81 -27.66 9.04 -4.13
N ASP B 82 -28.20 9.42 -5.29
CA ASP B 82 -29.14 8.61 -6.07
C ASP B 82 -28.41 7.53 -6.86
N ASP B 83 -27.12 7.75 -7.18
CA ASP B 83 -26.30 6.80 -7.95
C ASP B 83 -25.03 6.44 -7.15
N PRO B 84 -24.88 5.16 -6.72
CA PRO B 84 -23.67 4.80 -5.95
C PRO B 84 -22.38 4.79 -6.79
N LEU B 85 -22.45 4.55 -8.11
CA LEU B 85 -21.26 4.55 -8.96
C LEU B 85 -20.71 5.97 -9.17
N ILE B 86 -21.58 7.01 -9.19
CA ILE B 86 -21.12 8.39 -9.33
C ILE B 86 -20.34 8.76 -8.06
N VAL B 88 -18.65 6.74 -6.09
CA VAL B 88 -17.33 6.10 -6.01
C VAL B 88 -16.35 6.78 -7.01
N ARG B 89 -16.80 7.16 -8.25
CA ARG B 89 -15.92 7.79 -9.24
C ARG B 89 -15.51 9.20 -8.74
N ASP B 90 -16.41 9.95 -8.05
CA ASP B 90 -16.09 11.26 -7.47
C ASP B 90 -15.05 11.13 -6.35
N LEU B 91 -15.17 10.07 -5.51
CA LEU B 91 -14.25 9.78 -4.41
C LEU B 91 -12.85 9.47 -4.98
N VAL B 92 -12.77 8.62 -6.02
CA VAL B 92 -11.54 8.22 -6.71
C VAL B 92 -10.85 9.49 -7.28
N ASN B 93 -11.62 10.37 -7.95
CA ASN B 93 -11.14 11.61 -8.54
C ASN B 93 -10.56 12.55 -7.48
N ARG B 94 -11.25 12.68 -6.32
CA ARG B 94 -10.81 13.55 -5.23
C ARG B 94 -9.52 13.04 -4.55
N ILE B 95 -9.30 11.70 -4.50
CA ILE B 95 -8.11 11.12 -3.88
C ILE B 95 -6.89 11.42 -4.77
N VAL B 96 -6.98 11.09 -6.08
CA VAL B 96 -5.90 11.25 -7.06
C VAL B 96 -5.59 12.76 -7.25
N ASN B 97 -6.62 13.64 -7.34
CA ASN B 97 -6.43 15.09 -7.52
C ASN B 97 -5.69 15.73 -6.32
N THR B 98 -5.96 15.24 -5.09
CA THR B 98 -5.34 15.72 -3.85
C THR B 98 -3.86 15.28 -3.81
N CYS B 99 -3.58 13.98 -4.12
CA CYS B 99 -2.24 13.39 -4.13
C CYS B 99 -1.37 13.99 -5.25
N GLU B 100 -1.98 14.41 -6.38
CA GLU B 100 -1.27 15.04 -7.51
C GLU B 100 -0.80 16.45 -7.15
N THR B 101 -1.59 17.17 -6.32
CA THR B 101 -1.31 18.54 -5.87
C THR B 101 -0.36 18.49 -4.65
N LEU B 103 2.03 16.10 -3.05
CA LEU B 103 2.90 14.94 -3.27
C LEU B 103 3.36 14.23 -1.98
N TRP B 104 3.38 14.95 -0.83
CA TRP B 104 3.80 14.44 0.47
C TRP B 104 2.81 13.44 1.07
N LEU B 105 1.51 13.55 0.70
CA LEU B 105 0.41 12.74 1.23
C LEU B 105 0.59 11.21 1.01
N PRO B 106 0.79 10.64 -0.22
CA PRO B 106 0.91 9.17 -0.30
C PRO B 106 2.12 8.64 0.48
N SER B 107 3.21 9.43 0.51
CA SER B 107 4.47 9.13 1.19
C SER B 107 4.31 9.07 2.73
N LEU B 108 3.67 10.10 3.32
CA LEU B 108 3.46 10.21 4.77
C LEU B 108 2.43 9.18 5.28
N TRP B 109 1.49 8.77 4.40
CA TRP B 109 0.44 7.77 4.68
CA TRP B 109 0.45 7.78 4.71
C TRP B 109 1.08 6.40 4.97
N ILE B 110 1.97 5.92 4.07
CA ILE B 110 2.64 4.63 4.19
C ILE B 110 3.62 4.62 5.39
N ARG B 111 4.45 5.67 5.51
CA ARG B 111 5.48 5.81 6.54
C ARG B 111 4.98 5.88 8.00
N GLU B 112 3.86 6.61 8.29
CA GLU B 112 3.52 6.80 9.71
C GLU B 112 2.14 6.24 10.14
N ILE B 113 1.19 5.97 9.23
CA ILE B 113 -0.08 5.43 9.73
C ILE B 113 -0.19 3.94 9.32
N VAL B 114 0.07 3.57 8.04
CA VAL B 114 0.01 2.15 7.61
C VAL B 114 1.05 1.32 8.40
N ASN B 115 2.29 1.85 8.53
CA ASN B 115 3.42 1.25 9.24
C ASN B 115 3.09 1.16 10.75
N GLU B 116 3.40 -0.01 11.35
CA GLU B 116 3.15 -0.30 12.78
C GLU B 116 3.99 0.58 13.71
N GLY B 117 5.16 1.03 13.24
CA GLY B 117 6.08 1.88 13.99
C GLY B 117 5.90 3.37 13.76
N GLY B 118 4.75 3.75 13.20
CA GLY B 118 4.44 5.14 12.92
C GLY B 118 4.11 5.99 14.14
N ALA B 119 4.53 7.26 14.09
CA ALA B 119 4.28 8.24 15.16
C ALA B 119 2.85 8.84 15.07
N LEU B 120 2.30 8.92 13.84
CA LEU B 120 0.97 9.48 13.61
C LEU B 120 -0.14 8.42 13.69
N ARG B 121 0.24 7.12 13.75
CA ARG B 121 -0.66 5.96 13.75
C ARG B 121 -1.73 6.06 14.86
N GLU B 122 -1.35 6.30 16.12
CA GLU B 122 -2.26 6.38 17.27
C GLU B 122 -3.16 7.62 17.20
N LYS B 123 -2.59 8.79 16.82
CA LYS B 123 -3.26 10.09 16.73
C LYS B 123 -4.30 10.11 15.60
N LEU B 125 -6.28 7.54 14.63
CA LEU B 125 -7.45 6.76 15.10
C LEU B 125 -8.54 7.65 15.68
N ASN B 126 -8.18 8.73 16.37
CA ASN B 126 -9.13 9.65 17.00
C ASN B 126 -9.58 10.77 16.03
N ASN B 127 -9.21 10.67 14.74
CA ASN B 127 -9.56 11.65 13.71
C ASN B 127 -10.04 10.98 12.40
N ILE B 128 -10.59 9.74 12.50
CA ILE B 128 -11.13 8.97 11.37
C ILE B 128 -12.57 9.47 11.08
N PRO B 129 -12.95 9.74 9.80
CA PRO B 129 -14.31 10.21 9.53
C PRO B 129 -15.32 9.04 9.53
N ILE B 130 -15.49 8.42 10.72
CA ILE B 130 -16.36 7.25 10.98
C ILE B 130 -17.80 7.53 10.50
N ASP B 131 -18.32 8.75 10.77
CA ASP B 131 -19.69 9.16 10.42
C ASP B 131 -19.92 9.15 8.90
N LYS B 132 -19.00 9.73 8.10
CA LYS B 132 -19.15 9.82 6.65
C LYS B 132 -18.76 8.51 5.95
N ASN B 134 -19.49 5.51 7.33
CA ASN B 134 -20.70 4.71 7.59
C ASN B 134 -21.78 5.07 6.58
N LYS B 135 -21.86 6.36 6.18
CA LYS B 135 -22.81 6.86 5.18
C LYS B 135 -22.47 6.33 3.79
N PHE B 136 -21.15 6.18 3.49
CA PHE B 136 -20.68 5.63 2.22
C PHE B 136 -21.02 4.13 2.15
N SER B 137 -20.72 3.38 3.24
CA SER B 137 -20.97 1.95 3.36
C SER B 137 -22.47 1.63 3.34
N ALA B 138 -23.32 2.52 3.89
CA ALA B 138 -24.76 2.35 3.91
C ALA B 138 -25.35 2.54 2.50
N LYS B 139 -24.87 3.57 1.77
CA LYS B 139 -25.32 3.91 0.41
C LYS B 139 -24.97 2.81 -0.60
N ILE B 140 -23.76 2.22 -0.47
CA ILE B 140 -23.29 1.18 -1.37
C ILE B 140 -24.00 -0.16 -1.01
N ALA B 141 -24.33 -0.37 0.29
CA ALA B 141 -25.06 -1.58 0.73
C ALA B 141 -26.53 -1.51 0.32
N GLU B 142 -27.09 -0.28 0.22
CA GLU B 142 -28.47 -0.03 -0.22
C GLU B 142 -28.64 -0.44 -1.68
N GLY B 143 -27.58 -0.21 -2.47
CA GLY B 143 -27.51 -0.57 -3.88
C GLY B 143 -27.48 -2.08 -4.07
N GLN B 144 -26.85 -2.79 -3.12
CA GLN B 144 -26.75 -4.26 -3.10
C GLN B 144 -28.13 -4.88 -2.83
N LYS B 145 -28.94 -4.23 -1.96
CA LYS B 145 -30.28 -4.64 -1.59
C LYS B 145 -31.22 -4.46 -2.80
N GLN B 146 -31.06 -3.33 -3.53
CA GLN B 146 -31.83 -3.01 -4.73
C GLN B 146 -31.43 -3.90 -5.91
N GLY B 147 -30.20 -4.41 -5.88
CA GLY B 147 -29.65 -5.29 -6.90
C GLY B 147 -28.95 -4.58 -8.04
N VAL B 148 -28.56 -3.31 -7.80
CA VAL B 148 -27.89 -2.48 -8.80
C VAL B 148 -26.35 -2.58 -8.58
N ILE B 149 -25.93 -2.96 -7.35
CA ILE B 149 -24.53 -3.16 -6.98
C ILE B 149 -24.32 -4.68 -6.73
N ASN B 150 -23.11 -5.19 -7.07
CA ASN B 150 -22.68 -6.59 -6.93
C ASN B 150 -22.85 -7.03 -5.47
N SER B 151 -23.60 -8.13 -5.27
CA SER B 151 -23.89 -8.72 -3.96
C SER B 151 -22.64 -9.39 -3.32
N GLY B 152 -21.67 -9.75 -4.14
CA GLY B 152 -20.44 -10.43 -3.70
C GLY B 152 -19.43 -9.58 -2.97
N ILE B 153 -19.38 -8.26 -3.28
CA ILE B 153 -18.41 -7.36 -2.65
C ILE B 153 -18.93 -6.95 -1.25
N ASP B 154 -18.01 -6.49 -0.38
CA ASP B 154 -18.31 -6.04 0.98
C ASP B 154 -18.28 -4.52 1.03
N SER B 155 -19.37 -3.92 1.57
CA SER B 155 -19.59 -2.47 1.70
C SER B 155 -18.51 -1.77 2.55
N ARG B 156 -17.96 -2.46 3.56
CA ARG B 156 -16.94 -1.92 4.47
C ARG B 156 -15.53 -2.05 3.87
N LEU B 157 -15.20 -3.21 3.27
CA LEU B 157 -13.90 -3.50 2.66
C LEU B 157 -13.65 -2.70 1.37
N LEU B 158 -14.71 -2.17 0.73
CA LEU B 158 -14.61 -1.39 -0.51
C LEU B 158 -13.82 -0.09 -0.27
N ILE B 159 -13.98 0.53 0.94
CA ILE B 159 -13.28 1.76 1.34
C ILE B 159 -11.76 1.50 1.22
N GLY B 160 -11.28 0.43 1.84
CA GLY B 160 -9.88 0.01 1.79
C GLY B 160 -9.39 -0.28 0.38
N SER B 161 -10.23 -0.98 -0.42
CA SER B 161 -9.96 -1.33 -1.81
C SER B 161 -9.73 -0.07 -2.68
N ILE B 162 -10.62 0.94 -2.58
CA ILE B 162 -10.52 2.22 -3.30
C ILE B 162 -9.22 2.94 -2.88
N ILE B 163 -8.94 3.00 -1.57
CA ILE B 163 -7.74 3.65 -1.02
C ILE B 163 -6.49 2.94 -1.59
N GLY B 164 -6.49 1.59 -1.58
CA GLY B 164 -5.39 0.78 -2.10
C GLY B 164 -5.15 0.92 -3.60
N LEU B 165 -6.23 0.97 -4.40
CA LEU B 165 -6.16 1.11 -5.86
C LEU B 165 -5.71 2.51 -6.30
N THR B 166 -5.97 3.54 -5.49
CA THR B 166 -5.62 4.92 -5.83
C THR B 166 -4.30 5.40 -5.19
N LEU B 168 -1.69 3.58 -3.44
CA LEU B 168 -0.50 2.75 -3.64
C LEU B 168 0.23 3.05 -4.98
N PRO B 169 -0.43 3.18 -6.17
CA PRO B 169 0.34 3.47 -7.40
C PRO B 169 1.12 4.80 -7.34
N LEU B 170 0.63 5.80 -6.59
CA LEU B 170 1.31 7.08 -6.46
C LEU B 170 2.44 6.99 -5.41
N ALA B 171 2.31 6.10 -4.42
CA ALA B 171 3.32 5.87 -3.39
C ALA B 171 4.51 5.09 -3.96
N THR B 172 4.26 4.22 -4.97
CA THR B 172 5.27 3.38 -5.62
C THR B 172 5.69 3.97 -7.01
N ALA B 173 5.34 5.24 -7.27
CA ALA B 173 5.65 5.96 -8.52
C ALA B 173 7.15 6.10 -8.76
N LYS B 174 7.93 6.44 -7.71
CA LYS B 174 9.39 6.59 -7.76
C LYS B 174 10.07 5.24 -8.07
N LEU B 175 9.46 4.13 -7.61
CA LEU B 175 9.94 2.77 -7.81
C LEU B 175 9.71 2.33 -9.28
N ARG B 176 8.53 2.68 -9.82
CA ARG B 176 8.07 2.42 -11.19
C ARG B 176 8.95 3.14 -12.22
N ASP B 177 9.36 4.36 -11.87
CA ASP B 177 10.17 5.27 -12.68
C ASP B 177 11.61 4.75 -12.87
N GLN B 178 12.04 3.79 -12.04
CA GLN B 178 13.37 3.20 -12.14
C GLN B 178 13.29 1.85 -12.91
N ILE B 179 12.10 1.54 -13.48
CA ILE B 179 11.82 0.34 -14.28
C ILE B 179 11.56 0.80 -15.74
N PRO B 180 12.33 0.30 -16.74
CA PRO B 180 12.15 0.76 -18.13
C PRO B 180 10.79 0.43 -18.76
N THR B 181 10.34 -0.84 -18.66
CA THR B 181 9.07 -1.30 -19.24
C THR B 181 7.84 -0.71 -18.52
N LYS B 183 7.85 2.49 -17.09
CA LYS B 183 7.92 3.95 -17.20
C LYS B 183 6.91 4.51 -18.21
N GLY B 184 6.43 5.73 -17.93
CA GLY B 184 5.51 6.44 -18.82
C GLY B 184 4.10 6.70 -18.33
N LEU B 185 3.54 5.78 -17.51
CA LEU B 185 2.18 5.86 -16.98
C LEU B 185 1.99 7.12 -16.16
N SER B 186 1.16 8.04 -16.68
CA SER B 186 0.84 9.33 -16.06
C SER B 186 -0.28 9.16 -15.02
N SER B 187 -0.64 10.26 -14.36
CA SER B 187 -1.64 10.25 -13.31
C SER B 187 -3.06 10.11 -13.88
N GLU B 188 -3.33 10.68 -15.08
CA GLU B 188 -4.62 10.58 -15.75
C GLU B 188 -4.87 9.13 -16.22
N ASP B 189 -3.77 8.39 -16.47
CA ASP B 189 -3.81 6.98 -16.86
C ASP B 189 -4.25 6.12 -15.66
N ILE B 190 -3.87 6.52 -14.44
CA ILE B 190 -4.19 5.81 -13.20
C ILE B 190 -5.71 5.87 -12.96
N VAL B 191 -6.29 7.07 -12.90
CA VAL B 191 -7.71 7.30 -12.60
C VAL B 191 -8.63 6.59 -13.65
N CYS B 192 -8.20 6.42 -14.92
CA CYS B 192 -9.00 5.76 -15.96
C CYS B 192 -9.04 4.23 -15.73
N HIS B 193 -7.89 3.64 -15.39
CA HIS B 193 -7.73 2.20 -15.12
C HIS B 193 -8.55 1.78 -13.89
N VAL B 194 -8.42 2.50 -12.77
CA VAL B 194 -9.08 2.25 -11.48
C VAL B 194 -10.62 2.37 -11.64
N THR B 195 -11.11 3.38 -12.41
CA THR B 195 -12.54 3.58 -12.66
C THR B 195 -13.08 2.40 -13.48
N ALA B 196 -12.39 2.01 -14.56
CA ALA B 196 -12.81 0.89 -15.41
C ALA B 196 -12.77 -0.46 -14.65
N LEU B 197 -11.83 -0.62 -13.69
CA LEU B 197 -11.70 -1.84 -12.91
C LEU B 197 -12.79 -1.91 -11.81
N LEU B 198 -13.05 -0.80 -11.10
CA LEU B 198 -14.05 -0.75 -10.03
C LEU B 198 -15.48 -0.91 -10.55
N PHE B 199 -15.76 -0.37 -11.76
CA PHE B 199 -17.09 -0.37 -12.40
C PHE B 199 -17.45 -1.70 -13.09
N THR B 200 -16.61 -2.16 -14.05
CA THR B 200 -16.88 -3.35 -14.88
C THR B 200 -16.02 -4.58 -14.49
N GLY B 201 -14.84 -4.33 -13.94
CA GLY B 201 -13.91 -5.40 -13.59
C GLY B 201 -13.10 -5.83 -14.80
N LEU B 202 -12.75 -7.12 -14.89
CA LEU B 202 -12.00 -7.65 -16.02
C LEU B 202 -12.92 -8.31 -17.05
N THR B 203 -14.12 -8.77 -16.65
CA THR B 203 -15.07 -9.41 -17.56
C THR B 203 -15.86 -8.42 -18.42
N ASN B 204 -16.31 -8.95 -19.56
CA ASN B 204 -17.19 -8.37 -20.58
C ASN B 204 -18.37 -9.34 -20.84
N PRO B 205 -19.55 -8.88 -21.32
CA PRO B 205 -20.65 -9.84 -21.55
C PRO B 205 -20.39 -10.78 -22.73
#